data_1NUI
#
_entry.id   1NUI
#
_cell.length_a   136.459
_cell.length_b   136.460
_cell.length_c   85.445
_cell.angle_alpha   90.00
_cell.angle_beta   90.00
_cell.angle_gamma   120.00
#
_symmetry.space_group_name_H-M   'P 31 2 1'
#
loop_
_entity.id
_entity.type
_entity.pdbx_description
1 polymer 'DNA primase/helicase'
2 non-polymer 'ZINC ION'
3 non-polymer 'MAGNESIUM ION'
4 water water
#
_entity_poly.entity_id   1
_entity_poly.type   'polypeptide(L)'
_entity_poly.pdbx_seq_one_letter_code
;MDNSHDSDSVFLYHIPCDNCGSSDGNSLFSDGHTFCYVCEKWTAGNEDTKERASKRKPSGGKPGTYNVWNFGESNGRYSA
LTARGISKETCQKAGYWIAKVDGVMYQVADYRDQNGNIVSQKVRDKDKNFKTTGSHKSDALFGKHLWNGGKKIVVTEGEI
DMLTVMELQDCKYPVVSLGHGASAAKKTCAANYEYFDQFEQIILMFDMDEAGRKAVEEAAQVLPAGKVRVAVLPCKDANE
CHLNGHDREIMEQVW
;
_entity_poly.pdbx_strand_id   A,B
#
# COMPACT_ATOMS: atom_id res chain seq x y z
N VAL A 10 17.96 -9.53 -5.36
CA VAL A 10 17.37 -10.10 -6.61
C VAL A 10 17.82 -9.31 -7.84
N PHE A 11 17.83 -9.98 -8.99
CA PHE A 11 18.22 -9.37 -10.26
C PHE A 11 17.15 -8.36 -10.69
N LEU A 12 17.57 -7.15 -11.02
CA LEU A 12 16.64 -6.13 -11.46
C LEU A 12 16.65 -5.99 -12.97
N TYR A 13 17.84 -5.75 -13.53
CA TYR A 13 18.01 -5.61 -14.96
C TYR A 13 19.45 -5.22 -15.23
N HIS A 14 19.91 -5.42 -16.47
CA HIS A 14 21.28 -5.12 -16.86
C HIS A 14 21.63 -3.64 -16.84
N ILE A 15 22.91 -3.38 -16.67
CA ILE A 15 23.45 -2.03 -16.59
C ILE A 15 24.80 -2.02 -17.27
N PRO A 16 25.22 -0.87 -17.83
CA PRO A 16 26.52 -0.82 -18.48
C PRO A 16 27.60 -0.84 -17.40
N CYS A 17 28.75 -1.44 -17.67
CA CYS A 17 29.80 -1.48 -16.65
C CYS A 17 30.70 -0.26 -16.61
N ASP A 18 30.86 0.30 -15.42
CA ASP A 18 31.70 1.48 -15.24
C ASP A 18 33.17 1.07 -15.07
N ASN A 19 33.42 -0.23 -15.13
CA ASN A 19 34.77 -0.74 -14.96
C ASN A 19 35.39 -1.27 -16.25
N CYS A 20 35.10 -2.52 -16.59
CA CYS A 20 35.66 -3.11 -17.81
C CYS A 20 35.26 -2.27 -19.01
N GLY A 21 34.09 -1.66 -18.93
CA GLY A 21 33.62 -0.82 -20.01
C GLY A 21 32.80 -1.54 -21.06
N SER A 22 32.11 -2.62 -20.67
CA SER A 22 31.27 -3.32 -21.62
C SER A 22 29.99 -2.49 -21.78
N SER A 23 28.91 -3.10 -22.23
CA SER A 23 27.68 -2.34 -22.42
C SER A 23 26.52 -2.83 -21.55
N ASP A 24 26.24 -4.13 -21.59
CA ASP A 24 25.13 -4.70 -20.81
C ASP A 24 25.55 -5.88 -19.92
N GLY A 25 26.86 -6.16 -19.85
CA GLY A 25 27.37 -7.28 -19.07
C GLY A 25 27.38 -7.16 -17.56
N ASN A 26 26.96 -5.99 -17.08
CA ASN A 26 26.89 -5.71 -15.65
C ASN A 26 25.41 -5.81 -15.25
N SER A 27 25.10 -6.65 -14.27
CA SER A 27 23.71 -6.81 -13.81
C SER A 27 23.50 -6.11 -12.47
N LEU A 28 22.34 -5.48 -12.33
CA LEU A 28 21.98 -4.75 -11.11
C LEU A 28 20.95 -5.53 -10.28
N PHE A 29 21.22 -5.67 -8.99
CA PHE A 29 20.31 -6.40 -8.10
C PHE A 29 19.66 -5.47 -7.06
N SER A 30 18.77 -6.05 -6.24
CA SER A 30 18.09 -5.33 -5.17
C SER A 30 19.20 -4.72 -4.33
N ASP A 31 20.01 -5.59 -3.75
CA ASP A 31 21.16 -5.23 -2.94
C ASP A 31 21.65 -3.84 -3.30
N GLY A 32 21.78 -3.61 -4.60
CA GLY A 32 22.28 -2.33 -5.07
C GLY A 32 23.61 -2.70 -5.71
N HIS A 33 23.98 -3.96 -5.55
CA HIS A 33 25.24 -4.48 -6.09
C HIS A 33 25.14 -4.95 -7.54
N THR A 34 26.28 -5.02 -8.20
CA THR A 34 26.30 -5.48 -9.58
C THR A 34 27.41 -6.49 -9.82
N PHE A 35 27.31 -7.21 -10.93
CA PHE A 35 28.30 -8.21 -11.30
C PHE A 35 28.56 -8.12 -12.79
N CYS A 36 29.85 -8.01 -13.15
CA CYS A 36 30.24 -7.92 -14.55
C CYS A 36 30.81 -9.22 -15.07
N TYR A 37 30.04 -9.88 -15.95
CA TYR A 37 30.45 -11.15 -16.55
C TYR A 37 31.78 -10.94 -17.25
N VAL A 38 31.85 -9.85 -18.02
CA VAL A 38 33.01 -9.48 -18.78
C VAL A 38 34.28 -9.44 -17.95
N CYS A 39 34.45 -8.36 -17.17
CA CYS A 39 35.63 -8.19 -16.33
C CYS A 39 35.58 -9.06 -15.08
N GLU A 40 34.39 -9.53 -14.72
CA GLU A 40 34.21 -10.41 -13.56
C GLU A 40 34.29 -9.71 -12.21
N LYS A 41 33.80 -8.48 -12.14
CA LYS A 41 33.83 -7.72 -10.89
C LYS A 41 32.47 -7.73 -10.17
N TRP A 42 32.51 -7.81 -8.86
CA TRP A 42 31.31 -7.88 -8.04
C TRP A 42 31.38 -6.86 -6.91
N THR A 43 30.70 -5.74 -7.06
CA THR A 43 30.71 -4.69 -6.05
C THR A 43 29.31 -4.49 -5.47
N ALA A 44 29.24 -4.16 -4.18
CA ALA A 44 27.95 -3.93 -3.52
C ALA A 44 27.71 -2.46 -3.21
N THR A 49 23.59 3.38 -7.37
CA THR A 49 22.78 2.25 -7.81
C THR A 49 21.86 1.76 -6.70
N LYS A 50 22.33 1.85 -5.46
CA LYS A 50 21.53 1.42 -4.32
C LYS A 50 20.20 2.17 -4.36
N GLU A 51 20.21 3.32 -5.01
CA GLU A 51 19.00 4.12 -5.14
C GLU A 51 18.18 3.45 -6.23
N ARG A 52 18.74 3.43 -7.44
CA ARG A 52 18.07 2.82 -8.58
C ARG A 52 17.38 1.54 -8.16
N ALA A 53 18.08 0.72 -7.38
CA ALA A 53 17.56 -0.55 -6.91
C ALA A 53 16.28 -0.42 -6.09
N SER A 54 16.23 0.58 -5.22
CA SER A 54 15.05 0.76 -4.38
C SER A 54 13.80 0.99 -5.24
N LYS A 55 13.90 1.99 -6.11
CA LYS A 55 12.83 2.38 -7.00
C LYS A 55 12.24 1.22 -7.80
N ARG A 56 12.59 0.00 -7.45
CA ARG A 56 12.10 -1.17 -8.16
C ARG A 56 11.60 -2.26 -7.18
N LYS A 57 11.58 -1.95 -5.89
CA LYS A 57 11.11 -2.93 -4.92
C LYS A 57 9.61 -3.17 -5.02
N PRO A 58 9.20 -4.42 -5.28
CA PRO A 58 7.75 -4.65 -5.36
C PRO A 58 7.13 -4.45 -3.98
N SER A 59 5.81 -4.36 -3.95
CA SER A 59 5.05 -4.17 -2.73
C SER A 59 3.64 -4.63 -3.08
N GLY A 60 2.64 -4.09 -2.40
CA GLY A 60 1.29 -4.52 -2.68
C GLY A 60 1.00 -5.88 -2.06
N GLY A 61 -0.13 -6.47 -2.41
CA GLY A 61 -0.50 -7.77 -1.87
C GLY A 61 -1.29 -8.62 -2.83
N LYS A 62 -1.97 -9.64 -2.30
CA LYS A 62 -2.78 -10.58 -3.08
C LYS A 62 -3.78 -9.91 -4.03
N PRO A 63 -3.65 -10.13 -5.34
CA PRO A 63 -4.59 -9.49 -6.28
C PRO A 63 -6.04 -9.72 -5.92
N GLY A 64 -6.85 -8.68 -6.08
CA GLY A 64 -8.27 -8.79 -5.78
C GLY A 64 -8.66 -8.20 -4.43
N THR A 65 -7.74 -8.28 -3.49
CA THR A 65 -7.95 -7.77 -2.14
C THR A 65 -8.11 -6.24 -2.16
N TYR A 66 -8.78 -5.71 -1.14
CA TYR A 66 -9.01 -4.26 -1.02
C TYR A 66 -7.81 -3.48 -0.51
N ASN A 67 -7.75 -2.23 -0.94
CA ASN A 67 -6.69 -1.29 -0.58
C ASN A 67 -6.93 -0.79 0.86
N VAL A 68 -5.87 -0.64 1.64
CA VAL A 68 -6.04 -0.16 3.01
C VAL A 68 -6.71 1.21 2.95
N TRP A 69 -7.75 1.39 3.77
CA TRP A 69 -8.48 2.65 3.83
C TRP A 69 -7.64 3.71 4.53
N ASN A 70 -7.59 4.91 3.97
CA ASN A 70 -6.86 6.00 4.58
C ASN A 70 -7.76 6.81 5.50
N PHE A 71 -7.34 6.96 6.75
CA PHE A 71 -8.07 7.71 7.75
C PHE A 71 -8.47 9.09 7.21
N GLY A 72 -7.46 9.86 6.81
CA GLY A 72 -7.67 11.19 6.27
C GLY A 72 -8.50 11.27 5.00
N GLU A 73 -8.87 10.14 4.42
CA GLU A 73 -9.65 10.15 3.20
C GLU A 73 -10.92 9.32 3.33
N SER A 74 -11.34 9.06 4.57
CA SER A 74 -12.54 8.25 4.79
C SER A 74 -13.51 8.92 5.79
N ASN A 75 -13.17 10.13 6.23
CA ASN A 75 -13.97 10.88 7.19
C ASN A 75 -13.69 10.33 8.58
N GLY A 76 -12.69 9.47 8.65
CA GLY A 76 -12.33 8.85 9.91
C GLY A 76 -12.13 9.77 11.10
N ARG A 77 -12.67 9.33 12.22
CA ARG A 77 -12.54 10.02 13.49
C ARG A 77 -12.50 8.93 14.53
N TYR A 78 -11.76 9.19 15.60
CA TYR A 78 -11.64 8.26 16.70
C TYR A 78 -12.73 8.55 17.73
N SER A 79 -13.93 8.04 17.48
CA SER A 79 -15.03 8.25 18.40
C SER A 79 -15.04 7.10 19.41
N ALA A 80 -15.80 7.26 20.47
CA ALA A 80 -15.91 6.23 21.49
C ALA A 80 -17.11 5.34 21.19
N LEU A 81 -17.00 4.06 21.53
CA LEU A 81 -18.09 3.12 21.28
C LEU A 81 -18.93 3.07 22.55
N THR A 82 -19.89 3.98 22.68
CA THR A 82 -20.74 4.06 23.85
C THR A 82 -21.55 2.78 24.11
N ALA A 83 -22.16 2.26 23.05
CA ALA A 83 -22.96 1.04 23.16
C ALA A 83 -22.08 -0.20 23.39
N ARG A 84 -20.78 0.03 23.64
CA ARG A 84 -19.84 -1.06 23.84
C ARG A 84 -19.00 -0.85 25.11
N GLY A 85 -19.01 0.38 25.63
CA GLY A 85 -18.27 0.68 26.84
C GLY A 85 -16.81 1.02 26.62
N ILE A 86 -16.46 1.33 25.37
CA ILE A 86 -15.08 1.68 25.08
C ILE A 86 -15.02 3.17 24.75
N SER A 87 -14.00 3.85 25.26
CA SER A 87 -13.86 5.28 25.03
C SER A 87 -13.02 5.61 23.80
N LYS A 88 -13.02 6.89 23.43
CA LYS A 88 -12.24 7.37 22.30
C LYS A 88 -10.78 7.09 22.61
N GLU A 89 -10.40 7.39 23.84
CA GLU A 89 -9.03 7.20 24.28
C GLU A 89 -8.51 5.77 24.04
N THR A 90 -9.38 4.79 24.26
CA THR A 90 -9.00 3.40 24.07
C THR A 90 -8.89 3.15 22.58
N CYS A 91 -9.95 3.51 21.88
CA CYS A 91 -10.00 3.37 20.44
C CYS A 91 -8.76 4.00 19.83
N GLN A 92 -8.41 5.20 20.28
CA GLN A 92 -7.24 5.89 19.75
C GLN A 92 -5.93 5.16 19.99
N LYS A 93 -5.81 4.40 21.07
CA LYS A 93 -4.55 3.73 21.34
C LYS A 93 -4.44 2.38 20.64
N ALA A 94 -5.57 1.71 20.48
CA ALA A 94 -5.58 0.42 19.83
C ALA A 94 -5.52 0.58 18.33
N GLY A 95 -5.96 1.73 17.84
CA GLY A 95 -5.98 1.95 16.41
C GLY A 95 -7.31 1.48 15.87
N TYR A 96 -8.38 1.89 16.54
CA TYR A 96 -9.72 1.52 16.12
C TYR A 96 -10.45 2.83 15.82
N TRP A 97 -10.91 3.00 14.58
CA TRP A 97 -11.58 4.24 14.21
C TRP A 97 -12.89 4.06 13.48
N ILE A 98 -13.56 5.18 13.24
CA ILE A 98 -14.83 5.17 12.53
C ILE A 98 -14.70 5.88 11.20
N ALA A 99 -15.35 5.32 10.18
CA ALA A 99 -15.31 5.91 8.87
C ALA A 99 -16.73 6.10 8.35
N LYS A 100 -16.94 7.20 7.63
CA LYS A 100 -18.24 7.50 7.04
C LYS A 100 -18.07 7.43 5.52
N VAL A 101 -18.60 6.37 4.91
CA VAL A 101 -18.49 6.17 3.47
C VAL A 101 -19.83 5.77 2.88
N ASP A 102 -20.22 6.44 1.80
CA ASP A 102 -21.51 6.18 1.17
C ASP A 102 -22.54 6.58 2.21
N GLY A 103 -22.21 7.64 2.97
CA GLY A 103 -23.10 8.10 4.02
C GLY A 103 -23.12 7.14 5.19
N VAL A 104 -22.79 5.87 4.92
CA VAL A 104 -22.76 4.79 5.90
C VAL A 104 -21.63 4.91 6.93
N MET A 105 -21.69 4.07 7.96
CA MET A 105 -20.70 4.08 9.02
C MET A 105 -19.94 2.76 9.12
N TYR A 106 -18.62 2.86 9.28
CA TYR A 106 -17.78 1.68 9.40
C TYR A 106 -16.77 1.81 10.54
N GLN A 107 -16.46 0.67 11.15
CA GLN A 107 -15.50 0.63 12.24
C GLN A 107 -14.27 -0.06 11.67
N VAL A 108 -13.11 0.59 11.84
CA VAL A 108 -11.89 0.05 11.27
C VAL A 108 -10.83 -0.35 12.28
N ALA A 109 -10.36 -1.59 12.16
CA ALA A 109 -9.32 -2.11 13.04
C ALA A 109 -7.98 -2.22 12.27
N ASP A 110 -7.12 -1.24 12.49
CA ASP A 110 -5.81 -1.20 11.85
C ASP A 110 -4.84 -2.24 12.39
N TYR A 111 -4.57 -3.29 11.62
CA TYR A 111 -3.56 -4.29 12.05
C TYR A 111 -2.21 -3.78 11.55
N ARG A 112 -1.42 -3.19 12.44
CA ARG A 112 -0.12 -2.63 12.08
C ARG A 112 1.07 -3.55 12.35
N ASP A 113 2.16 -3.29 11.65
CA ASP A 113 3.37 -4.08 11.80
C ASP A 113 4.30 -3.46 12.84
N GLN A 114 5.46 -4.08 13.00
CA GLN A 114 6.46 -3.62 13.96
C GLN A 114 6.84 -2.15 13.85
N ASN A 115 6.66 -1.57 12.67
CA ASN A 115 7.02 -0.17 12.47
C ASN A 115 5.80 0.71 12.37
N GLY A 116 4.69 0.26 12.96
CA GLY A 116 3.48 1.03 12.92
C GLY A 116 2.95 1.31 11.52
N ASN A 117 3.23 0.42 10.58
CA ASN A 117 2.74 0.58 9.23
C ASN A 117 1.48 -0.26 9.13
N ILE A 118 0.37 0.33 8.71
CA ILE A 118 -0.85 -0.47 8.58
C ILE A 118 -0.55 -1.54 7.53
N VAL A 119 -0.81 -2.80 7.85
CA VAL A 119 -0.58 -3.90 6.94
C VAL A 119 -1.93 -4.38 6.47
N SER A 120 -2.86 -4.50 7.40
CA SER A 120 -4.21 -4.91 7.03
C SER A 120 -5.18 -4.18 7.94
N GLN A 121 -6.46 -4.26 7.59
CA GLN A 121 -7.51 -3.63 8.37
C GLN A 121 -8.71 -4.57 8.31
N LYS A 122 -9.53 -4.53 9.35
CA LYS A 122 -10.73 -5.35 9.40
C LYS A 122 -11.84 -4.32 9.54
N VAL A 123 -12.75 -4.29 8.57
CA VAL A 123 -13.82 -3.31 8.56
C VAL A 123 -15.20 -3.93 8.73
N ARG A 124 -16.02 -3.36 9.61
CA ARG A 124 -17.39 -3.85 9.83
C ARG A 124 -18.38 -2.71 9.93
N ASP A 125 -19.66 -3.02 9.70
CA ASP A 125 -20.70 -2.01 9.75
C ASP A 125 -21.79 -2.32 10.78
N LYS A 126 -22.88 -1.56 10.71
CA LYS A 126 -24.01 -1.71 11.62
C LYS A 126 -24.50 -3.16 11.66
N ASP A 127 -24.92 -3.67 10.51
CA ASP A 127 -25.42 -5.04 10.41
C ASP A 127 -24.32 -6.02 10.83
N LYS A 128 -23.12 -5.50 11.04
CA LYS A 128 -21.98 -6.32 11.43
C LYS A 128 -21.52 -7.20 10.27
N ASN A 129 -21.03 -6.56 9.21
CA ASN A 129 -20.52 -7.26 8.04
C ASN A 129 -19.02 -7.05 7.89
N PHE A 130 -18.27 -8.15 7.91
CA PHE A 130 -16.82 -8.10 7.81
C PHE A 130 -16.28 -7.88 6.40
N LYS A 131 -15.21 -7.10 6.31
CA LYS A 131 -14.55 -6.76 5.05
C LYS A 131 -13.06 -6.57 5.36
N THR A 132 -12.19 -7.18 4.56
CA THR A 132 -10.76 -7.06 4.80
C THR A 132 -10.04 -6.15 3.81
N THR A 133 -8.85 -5.69 4.20
CA THR A 133 -8.06 -4.83 3.34
C THR A 133 -6.59 -5.02 3.66
N GLY A 134 -5.73 -4.74 2.67
CA GLY A 134 -4.30 -4.87 2.84
C GLY A 134 -3.97 -6.33 2.75
N SER A 135 -2.94 -6.76 3.48
CA SER A 135 -2.52 -8.16 3.51
C SER A 135 -2.79 -8.78 4.88
N HIS A 136 -4.03 -9.25 5.08
CA HIS A 136 -4.46 -9.85 6.34
C HIS A 136 -3.96 -11.27 6.45
N LYS A 137 -2.65 -11.39 6.69
CA LYS A 137 -1.97 -12.67 6.79
C LYS A 137 -2.39 -13.59 7.94
N SER A 138 -1.78 -14.78 7.99
CA SER A 138 -2.09 -15.76 9.01
C SER A 138 -1.79 -15.29 10.41
N ASP A 139 -0.70 -14.55 10.57
CA ASP A 139 -0.31 -14.08 11.88
C ASP A 139 -1.00 -12.77 12.33
N ALA A 140 -2.04 -12.37 11.61
CA ALA A 140 -2.74 -11.15 12.00
C ALA A 140 -3.17 -11.16 13.49
N LEU A 141 -2.66 -10.17 14.23
CA LEU A 141 -2.93 -9.98 15.67
C LEU A 141 -3.21 -8.51 16.00
N PHE A 142 -4.48 -8.14 16.07
CA PHE A 142 -4.84 -6.76 16.39
C PHE A 142 -4.19 -6.30 17.71
N GLY A 143 -3.44 -5.20 17.65
CA GLY A 143 -2.78 -4.70 18.83
C GLY A 143 -1.33 -5.15 18.94
N LYS A 144 -1.00 -6.23 18.23
CA LYS A 144 0.35 -6.81 18.24
C LYS A 144 1.53 -5.85 18.22
N HIS A 145 1.37 -4.79 17.45
CA HIS A 145 2.41 -3.77 17.28
C HIS A 145 2.64 -2.91 18.51
N LEU A 146 1.77 -3.04 19.51
CA LEU A 146 1.82 -2.24 20.73
C LEU A 146 2.67 -2.76 21.89
N TRP A 147 2.98 -4.05 21.90
CA TRP A 147 3.73 -4.61 23.02
C TRP A 147 5.02 -5.35 22.65
N ASN A 148 6.13 -4.93 23.25
CA ASN A 148 7.44 -5.53 23.00
C ASN A 148 7.74 -6.62 24.02
N GLY A 149 6.75 -7.48 24.30
CA GLY A 149 6.95 -8.55 25.26
C GLY A 149 6.40 -8.16 26.63
N GLY A 150 6.89 -8.77 27.70
CA GLY A 150 6.40 -8.43 29.02
C GLY A 150 6.12 -9.59 29.95
N LYS A 151 5.25 -9.36 30.93
CA LYS A 151 4.94 -10.43 31.88
C LYS A 151 3.77 -11.27 31.39
N LYS A 152 2.65 -10.63 31.11
CA LYS A 152 1.48 -11.37 30.62
C LYS A 152 0.92 -10.70 29.38
N ILE A 153 0.15 -11.46 28.61
CA ILE A 153 -0.49 -10.94 27.42
C ILE A 153 -1.86 -11.60 27.32
N VAL A 154 -2.89 -10.79 27.16
CA VAL A 154 -4.23 -11.35 27.06
C VAL A 154 -4.59 -11.41 25.60
N VAL A 155 -5.15 -12.54 25.17
CA VAL A 155 -5.53 -12.75 23.79
C VAL A 155 -7.03 -12.90 23.66
N THR A 156 -7.75 -11.83 23.39
CA THR A 156 -9.19 -11.96 23.24
C THR A 156 -9.54 -12.62 21.91
N GLU A 157 -10.82 -12.70 21.60
CA GLU A 157 -11.26 -13.31 20.35
C GLU A 157 -11.47 -12.25 19.27
N GLY A 158 -12.21 -11.19 19.60
CA GLY A 158 -12.48 -10.13 18.65
C GLY A 158 -11.92 -8.79 19.08
N GLU A 159 -11.60 -7.94 18.11
CA GLU A 159 -11.05 -6.62 18.42
C GLU A 159 -11.76 -5.89 19.56
N ILE A 160 -13.09 -5.98 19.60
CA ILE A 160 -13.81 -5.29 20.67
C ILE A 160 -13.59 -5.89 22.05
N ASP A 161 -13.36 -7.19 22.11
CA ASP A 161 -13.09 -7.81 23.40
C ASP A 161 -11.70 -7.32 23.81
N MET A 162 -10.79 -7.30 22.85
CA MET A 162 -9.42 -6.82 23.06
C MET A 162 -9.53 -5.40 23.61
N LEU A 163 -10.43 -4.63 23.00
CA LEU A 163 -10.67 -3.26 23.40
C LEU A 163 -11.16 -3.13 24.84
N THR A 164 -12.05 -4.03 25.22
CA THR A 164 -12.61 -4.03 26.56
C THR A 164 -11.54 -4.21 27.63
N VAL A 165 -10.76 -5.27 27.50
CA VAL A 165 -9.70 -5.48 28.46
C VAL A 165 -8.86 -4.21 28.54
N MET A 166 -8.64 -3.55 27.42
CA MET A 166 -7.82 -2.34 27.43
C MET A 166 -8.47 -1.21 28.21
N GLU A 167 -9.77 -1.01 28.00
CA GLU A 167 -10.51 0.02 28.75
C GLU A 167 -10.19 -0.21 30.22
N LEU A 168 -10.58 -1.39 30.70
CA LEU A 168 -10.41 -1.79 32.09
C LEU A 168 -9.00 -1.70 32.62
N GLN A 169 -8.01 -1.72 31.74
CA GLN A 169 -6.63 -1.66 32.20
C GLN A 169 -5.98 -0.32 31.92
N ASP A 170 -6.76 0.61 31.38
CA ASP A 170 -6.24 1.93 31.04
C ASP A 170 -5.12 1.74 30.00
N CYS A 171 -5.36 0.84 29.05
CA CYS A 171 -4.43 0.52 27.97
C CYS A 171 -2.96 0.38 28.35
N LYS A 172 -2.69 -0.05 29.58
CA LYS A 172 -1.31 -0.19 30.02
C LYS A 172 -0.69 -1.58 29.94
N TYR A 173 -1.46 -2.58 29.51
CA TYR A 173 -0.90 -3.93 29.43
C TYR A 173 -1.27 -4.72 28.18
N PRO A 174 -0.35 -5.58 27.73
CA PRO A 174 -0.47 -6.44 26.57
C PRO A 174 -1.79 -7.13 26.36
N VAL A 175 -2.43 -6.78 25.26
CA VAL A 175 -3.69 -7.37 24.89
C VAL A 175 -3.68 -7.34 23.36
N VAL A 176 -4.03 -8.46 22.75
CA VAL A 176 -4.09 -8.54 21.30
C VAL A 176 -5.34 -9.33 20.99
N SER A 177 -5.76 -9.27 19.73
CA SER A 177 -6.93 -9.98 19.27
C SER A 177 -6.48 -10.98 18.21
N LEU A 178 -7.42 -11.76 17.68
CA LEU A 178 -7.12 -12.75 16.64
C LEU A 178 -7.60 -12.17 15.32
N GLY A 179 -6.80 -12.38 14.28
CA GLY A 179 -7.12 -11.86 12.96
C GLY A 179 -8.39 -12.36 12.31
N HIS A 180 -8.51 -13.68 12.13
CA HIS A 180 -9.69 -14.26 11.47
C HIS A 180 -10.65 -15.00 12.38
N GLY A 181 -10.98 -14.38 13.50
CA GLY A 181 -11.93 -14.96 14.44
C GLY A 181 -11.54 -16.26 15.11
N ALA A 182 -12.54 -16.87 15.74
CA ALA A 182 -12.41 -18.11 16.47
C ALA A 182 -11.80 -19.24 15.65
N SER A 183 -12.36 -19.51 14.48
CA SER A 183 -11.88 -20.59 13.62
C SER A 183 -10.37 -20.66 13.43
N ALA A 184 -9.81 -19.60 12.85
CA ALA A 184 -8.37 -19.53 12.60
C ALA A 184 -7.54 -19.67 13.87
N ALA A 185 -8.21 -19.59 15.01
CA ALA A 185 -7.60 -19.67 16.33
C ALA A 185 -6.32 -20.48 16.42
N LYS A 186 -6.38 -21.70 15.91
CA LYS A 186 -5.22 -22.59 15.94
C LYS A 186 -4.09 -22.05 15.05
N LYS A 187 -4.44 -21.69 13.82
CA LYS A 187 -3.47 -21.19 12.85
C LYS A 187 -2.84 -19.84 13.22
N THR A 188 -3.67 -18.91 13.68
CA THR A 188 -3.20 -17.58 14.06
C THR A 188 -2.21 -17.66 15.22
N CYS A 189 -2.55 -18.48 16.20
CA CYS A 189 -1.69 -18.64 17.37
C CYS A 189 -0.45 -19.41 16.96
N ALA A 190 -0.67 -20.43 16.13
CA ALA A 190 0.41 -21.25 15.61
C ALA A 190 1.35 -20.31 14.84
N ALA A 191 0.76 -19.55 13.92
CA ALA A 191 1.47 -18.57 13.10
C ALA A 191 2.20 -17.55 13.97
N ASN A 192 1.70 -17.35 15.20
CA ASN A 192 2.28 -16.39 16.13
C ASN A 192 3.02 -17.01 17.31
N TYR A 193 3.30 -18.30 17.23
CA TYR A 193 4.01 -18.98 18.32
C TYR A 193 5.28 -18.20 18.69
N GLU A 194 6.05 -17.83 17.67
CA GLU A 194 7.29 -17.10 17.87
C GLU A 194 7.07 -15.89 18.78
N TYR A 195 6.07 -15.09 18.43
CA TYR A 195 5.72 -13.86 19.15
C TYR A 195 5.29 -14.11 20.60
N PHE A 196 4.11 -14.72 20.71
CA PHE A 196 3.49 -15.05 21.98
C PHE A 196 4.44 -15.63 23.02
N ASP A 197 5.65 -16.02 22.62
CA ASP A 197 6.55 -16.62 23.58
C ASP A 197 7.53 -15.68 24.28
N GLN A 198 7.24 -14.39 24.24
CA GLN A 198 8.10 -13.41 24.91
C GLN A 198 7.43 -13.08 26.24
N PHE A 199 6.25 -13.64 26.44
CA PHE A 199 5.48 -13.42 27.66
C PHE A 199 5.43 -14.71 28.47
N GLU A 200 5.47 -14.58 29.78
CA GLU A 200 5.42 -15.74 30.65
C GLU A 200 4.03 -16.39 30.62
N GLN A 201 3.01 -15.62 30.23
CA GLN A 201 1.66 -16.17 30.17
C GLN A 201 0.86 -15.76 28.94
N ILE A 202 -0.27 -16.42 28.74
CA ILE A 202 -1.12 -16.15 27.59
C ILE A 202 -2.56 -16.44 27.99
N ILE A 203 -3.30 -15.40 28.38
CA ILE A 203 -4.66 -15.62 28.81
C ILE A 203 -5.68 -15.74 27.69
N LEU A 204 -5.78 -16.93 27.12
CA LEU A 204 -6.74 -17.12 26.06
C LEU A 204 -8.15 -16.76 26.52
N MET A 205 -8.56 -15.52 26.27
CA MET A 205 -9.89 -15.10 26.65
C MET A 205 -10.86 -15.12 25.46
N PHE A 206 -11.16 -16.30 24.95
CA PHE A 206 -12.04 -16.45 23.79
C PHE A 206 -13.51 -16.47 24.21
N ASP A 207 -14.42 -16.32 23.24
CA ASP A 207 -15.86 -16.30 23.51
C ASP A 207 -16.31 -17.38 24.49
N MET A 208 -17.42 -17.10 25.18
CA MET A 208 -17.95 -18.04 26.16
C MET A 208 -19.12 -18.85 25.61
N ASP A 209 -18.85 -19.64 24.56
CA ASP A 209 -19.87 -20.47 23.92
C ASP A 209 -19.27 -21.68 23.20
N GLU A 210 -20.16 -22.56 22.74
CA GLU A 210 -19.81 -23.79 22.02
C GLU A 210 -18.67 -23.58 21.02
N ALA A 211 -18.89 -22.67 20.06
CA ALA A 211 -17.87 -22.36 19.06
C ALA A 211 -16.60 -21.87 19.74
N GLY A 212 -16.75 -20.81 20.53
CA GLY A 212 -15.62 -20.24 21.24
C GLY A 212 -14.86 -21.23 22.10
N ARG A 213 -15.60 -22.08 22.81
CA ARG A 213 -14.97 -23.08 23.66
C ARG A 213 -14.15 -24.06 22.82
N LYS A 214 -14.59 -24.29 21.60
CA LYS A 214 -13.87 -25.20 20.70
C LYS A 214 -12.55 -24.53 20.30
N ALA A 215 -12.63 -23.24 20.01
CA ALA A 215 -11.46 -22.47 19.61
C ALA A 215 -10.38 -22.53 20.68
N VAL A 216 -10.78 -22.39 21.93
CA VAL A 216 -9.84 -22.42 23.04
C VAL A 216 -9.13 -23.76 23.05
N GLU A 217 -9.92 -24.81 22.87
CA GLU A 217 -9.40 -26.17 22.83
C GLU A 217 -8.26 -26.20 21.82
N GLU A 218 -8.57 -25.76 20.60
CA GLU A 218 -7.61 -25.73 19.49
C GLU A 218 -6.37 -24.89 19.78
N ALA A 219 -6.58 -23.59 20.00
CA ALA A 219 -5.51 -22.64 20.28
C ALA A 219 -4.54 -23.20 21.29
N ALA A 220 -5.07 -23.52 22.45
CA ALA A 220 -4.28 -24.07 23.54
C ALA A 220 -3.25 -25.05 22.99
N GLN A 221 -3.72 -25.96 22.13
CA GLN A 221 -2.87 -26.98 21.53
C GLN A 221 -1.59 -26.45 20.88
N VAL A 222 -1.74 -25.58 19.88
CA VAL A 222 -0.60 -25.01 19.16
C VAL A 222 0.25 -23.99 19.95
N LEU A 223 -0.33 -23.43 20.99
CA LEU A 223 0.36 -22.44 21.82
C LEU A 223 1.39 -23.09 22.74
N PRO A 224 2.40 -22.31 23.16
CA PRO A 224 3.46 -22.79 24.06
C PRO A 224 2.89 -23.50 25.32
N ALA A 225 3.33 -24.73 25.56
CA ALA A 225 2.86 -25.51 26.70
C ALA A 225 3.23 -24.86 28.03
N GLY A 226 2.31 -24.93 28.98
CA GLY A 226 2.55 -24.37 30.31
C GLY A 226 2.25 -22.90 30.54
N LYS A 227 2.08 -22.12 29.48
CA LYS A 227 1.80 -20.69 29.65
C LYS A 227 0.34 -20.31 29.48
N VAL A 228 -0.43 -21.18 28.81
CA VAL A 228 -1.84 -20.92 28.58
C VAL A 228 -2.64 -20.68 29.86
N ARG A 229 -3.90 -20.30 29.71
CA ARG A 229 -4.82 -20.02 30.80
C ARG A 229 -6.16 -19.70 30.15
N VAL A 230 -7.26 -20.22 30.68
CA VAL A 230 -8.55 -19.92 30.07
C VAL A 230 -9.53 -19.15 30.93
N ALA A 231 -10.02 -18.05 30.39
CA ALA A 231 -10.96 -17.20 31.09
C ALA A 231 -12.39 -17.72 31.07
N VAL A 232 -13.12 -17.42 32.13
CA VAL A 232 -14.51 -17.84 32.24
C VAL A 232 -15.36 -16.66 32.64
N LEU A 233 -16.12 -16.14 31.69
CA LEU A 233 -16.94 -14.97 31.94
C LEU A 233 -18.40 -15.35 32.17
N PRO A 234 -19.07 -14.67 33.11
CA PRO A 234 -20.48 -14.92 33.39
C PRO A 234 -21.35 -14.44 32.23
N CYS A 235 -20.71 -14.00 31.15
CA CYS A 235 -21.44 -13.51 29.99
C CYS A 235 -20.97 -14.15 28.69
N LYS A 236 -21.50 -13.68 27.57
CA LYS A 236 -21.14 -14.22 26.26
C LYS A 236 -19.64 -14.00 26.00
N ASP A 237 -19.21 -12.75 26.10
CA ASP A 237 -17.80 -12.38 25.93
C ASP A 237 -17.45 -11.18 26.80
N ALA A 238 -16.17 -10.83 26.81
CA ALA A 238 -15.69 -9.71 27.60
C ALA A 238 -16.57 -8.47 27.52
N ASN A 239 -16.96 -8.05 26.32
CA ASN A 239 -17.79 -6.86 26.24
C ASN A 239 -19.18 -7.14 26.82
N GLU A 240 -19.66 -8.38 26.64
CA GLU A 240 -20.96 -8.78 27.16
C GLU A 240 -20.91 -8.52 28.67
N CYS A 241 -19.85 -9.01 29.31
CA CYS A 241 -19.67 -8.78 30.74
C CYS A 241 -19.65 -7.29 30.99
N HIS A 242 -18.67 -6.63 30.37
CA HIS A 242 -18.50 -5.18 30.52
C HIS A 242 -19.79 -4.38 30.44
N LEU A 243 -20.78 -4.91 29.73
CA LEU A 243 -22.06 -4.22 29.61
C LEU A 243 -23.05 -4.72 30.67
N ASN A 244 -22.51 -5.47 31.63
CA ASN A 244 -23.30 -6.07 32.72
C ASN A 244 -22.54 -6.00 34.06
N GLY A 245 -21.83 -4.90 34.31
CA GLY A 245 -21.08 -4.71 35.54
C GLY A 245 -20.08 -5.80 35.93
N HIS A 246 -20.01 -6.87 35.14
CA HIS A 246 -19.10 -7.98 35.42
C HIS A 246 -17.61 -7.70 35.22
N ASP A 247 -17.24 -6.41 35.13
CA ASP A 247 -15.84 -6.03 34.95
C ASP A 247 -14.98 -6.74 35.98
N ARG A 248 -15.57 -6.96 37.15
CA ARG A 248 -14.90 -7.61 38.25
C ARG A 248 -14.25 -8.92 37.83
N GLU A 249 -15.02 -9.78 37.17
CA GLU A 249 -14.50 -11.07 36.75
C GLU A 249 -13.53 -10.95 35.58
N ILE A 250 -13.62 -9.89 34.79
CA ILE A 250 -12.68 -9.73 33.69
C ILE A 250 -11.34 -9.40 34.33
N MET A 251 -11.34 -8.41 35.23
CA MET A 251 -10.13 -8.02 35.92
C MET A 251 -9.58 -9.19 36.70
N GLU A 252 -10.48 -9.91 37.37
CA GLU A 252 -10.10 -11.06 38.18
C GLU A 252 -9.29 -12.10 37.40
N GLN A 253 -9.57 -12.24 36.11
CA GLN A 253 -8.85 -13.22 35.28
C GLN A 253 -7.77 -12.62 34.39
N VAL A 254 -7.63 -11.30 34.44
CA VAL A 254 -6.66 -10.59 33.60
C VAL A 254 -5.26 -10.38 34.20
N TRP A 255 -5.11 -10.65 35.50
CA TRP A 255 -3.80 -10.50 36.13
C TRP A 255 -3.34 -11.84 36.69
N VAL B 10 -0.42 13.73 8.39
CA VAL B 10 0.32 14.42 9.47
C VAL B 10 -0.53 14.35 10.75
N PHE B 11 -1.75 14.87 10.70
CA PHE B 11 -2.63 14.83 11.86
C PHE B 11 -3.03 13.39 12.19
N LEU B 12 -3.24 13.10 13.47
CA LEU B 12 -3.64 11.77 13.91
C LEU B 12 -5.01 11.80 14.59
N TYR B 13 -5.09 12.54 15.69
CA TYR B 13 -6.34 12.63 16.42
C TYR B 13 -6.37 13.75 17.44
N HIS B 14 -7.57 14.23 17.71
CA HIS B 14 -7.79 15.32 18.66
C HIS B 14 -7.77 14.74 20.08
N ILE B 15 -6.86 15.24 20.90
CA ILE B 15 -6.79 14.78 22.28
C ILE B 15 -7.25 15.93 23.18
N PRO B 16 -7.75 15.61 24.39
CA PRO B 16 -8.22 16.64 25.33
C PRO B 16 -7.10 17.62 25.64
N CYS B 17 -7.44 18.86 25.99
CA CYS B 17 -6.40 19.82 26.31
C CYS B 17 -6.00 19.69 27.77
N ASP B 18 -4.78 20.11 28.09
CA ASP B 18 -4.27 19.99 29.45
C ASP B 18 -4.02 21.31 30.16
N ASN B 19 -3.50 22.30 29.46
CA ASN B 19 -3.24 23.58 30.11
C ASN B 19 -4.51 24.42 30.10
N CYS B 20 -5.34 24.21 29.08
CA CYS B 20 -6.59 24.95 28.97
C CYS B 20 -7.75 24.00 29.26
N GLY B 21 -7.66 22.80 28.71
CA GLY B 21 -8.69 21.79 28.93
C GLY B 21 -9.82 21.76 27.92
N SER B 22 -10.05 20.59 27.32
CA SER B 22 -11.12 20.38 26.35
C SER B 22 -10.89 19.08 25.57
N SER B 23 -11.62 18.03 25.93
CA SER B 23 -11.49 16.72 25.29
C SER B 23 -11.47 16.82 23.77
N ASP B 24 -12.35 17.68 23.26
CA ASP B 24 -12.50 17.90 21.84
C ASP B 24 -11.98 19.29 21.49
N GLY B 25 -10.65 19.45 21.53
CA GLY B 25 -10.06 20.76 21.22
C GLY B 25 -8.60 20.80 20.82
N ASN B 26 -7.78 19.97 21.45
CA ASN B 26 -6.34 19.92 21.17
C ASN B 26 -6.02 18.86 20.11
N SER B 27 -4.79 18.87 19.58
CA SER B 27 -4.40 17.92 18.54
C SER B 27 -2.96 17.37 18.53
N LEU B 28 -2.88 16.10 18.14
CA LEU B 28 -1.64 15.34 18.05
C LEU B 28 -1.33 15.06 16.59
N PHE B 29 -0.06 15.16 16.21
CA PHE B 29 0.34 14.91 14.83
C PHE B 29 1.28 13.73 14.62
N SER B 30 1.32 13.26 13.38
CA SER B 30 2.15 12.12 12.96
C SER B 30 3.61 12.51 12.77
N ASP B 31 3.85 13.67 12.17
CA ASP B 31 5.23 14.11 11.97
C ASP B 31 5.87 14.26 13.35
N GLY B 32 5.04 14.38 14.37
CA GLY B 32 5.57 14.49 15.72
C GLY B 32 5.17 15.66 16.59
N HIS B 33 4.48 16.69 16.08
CA HIS B 33 4.12 17.82 16.95
C HIS B 33 2.71 17.86 17.54
N THR B 34 2.39 18.99 18.16
CA THR B 34 1.10 19.19 18.79
C THR B 34 0.63 20.65 18.65
N PHE B 35 -0.64 20.88 18.99
CA PHE B 35 -1.23 22.22 18.92
C PHE B 35 -2.71 22.20 19.36
N CYS B 36 -3.03 23.05 20.34
CA CYS B 36 -4.41 23.12 20.82
C CYS B 36 -5.18 24.29 20.22
N TYR B 37 -6.06 23.95 19.30
CA TYR B 37 -6.89 24.94 18.62
C TYR B 37 -7.36 26.00 19.60
N VAL B 38 -8.17 25.55 20.54
CA VAL B 38 -8.73 26.43 21.55
C VAL B 38 -7.75 27.43 22.16
N CYS B 39 -6.81 26.94 22.96
CA CYS B 39 -5.86 27.82 23.62
C CYS B 39 -4.66 28.18 22.75
N GLU B 40 -4.80 27.95 21.45
CA GLU B 40 -3.76 28.25 20.46
C GLU B 40 -2.38 27.92 21.01
N LYS B 41 -2.28 26.75 21.64
CA LYS B 41 -1.04 26.35 22.26
C LYS B 41 -0.28 25.28 21.47
N TRP B 42 1.05 25.43 21.43
CA TRP B 42 1.92 24.50 20.73
C TRP B 42 2.30 23.41 21.75
N LYS B 50 6.45 10.76 20.72
CA LYS B 50 6.56 10.63 19.26
C LYS B 50 6.78 9.19 18.86
N GLU B 51 7.38 8.41 19.75
CA GLU B 51 7.64 7.01 19.49
C GLU B 51 6.30 6.35 19.25
N ARG B 52 5.39 6.53 20.20
CA ARG B 52 4.06 5.96 20.13
C ARG B 52 3.19 6.71 19.13
N ALA B 53 3.67 7.87 18.66
CA ALA B 53 2.93 8.68 17.69
C ALA B 53 3.23 8.26 16.27
N SER B 54 4.47 7.86 16.01
CA SER B 54 4.88 7.43 14.68
C SER B 54 4.22 6.10 14.33
N LYS B 55 4.05 5.24 15.31
CA LYS B 55 3.43 3.95 15.07
C LYS B 55 1.92 4.12 14.94
N ARG B 56 1.48 5.31 14.54
CA ARG B 56 0.05 5.57 14.41
C ARG B 56 -0.32 6.40 13.17
N LYS B 57 0.61 6.55 12.23
CA LYS B 57 0.35 7.32 11.02
C LYS B 57 -0.48 6.54 10.00
N PRO B 58 -1.44 7.22 9.35
CA PRO B 58 -2.28 6.54 8.36
C PRO B 58 -1.59 6.27 7.03
N SER B 59 -2.32 5.61 6.14
CA SER B 59 -1.80 5.29 4.83
C SER B 59 -2.95 4.68 4.05
N GLY B 60 -2.65 4.09 2.90
CA GLY B 60 -3.71 3.52 2.10
C GLY B 60 -4.39 4.68 1.42
N GLY B 61 -5.56 4.45 0.82
CA GLY B 61 -6.24 5.54 0.15
C GLY B 61 -7.75 5.44 0.22
N LYS B 62 -8.45 6.08 -0.70
CA LYS B 62 -9.91 6.06 -0.71
C LYS B 62 -10.50 4.66 -0.56
N PRO B 63 -11.42 4.49 0.41
CA PRO B 63 -12.05 3.17 0.62
C PRO B 63 -12.75 2.75 -0.67
N GLY B 64 -12.79 1.45 -0.91
CA GLY B 64 -13.43 0.95 -2.11
C GLY B 64 -12.37 0.59 -3.15
N THR B 65 -11.30 1.37 -3.22
CA THR B 65 -10.23 1.10 -4.18
C THR B 65 -9.53 -0.22 -3.95
N TYR B 66 -9.11 -0.86 -5.05
CA TYR B 66 -8.41 -2.14 -5.03
C TYR B 66 -6.96 -2.04 -4.53
N ASN B 67 -6.49 -3.11 -3.92
CA ASN B 67 -5.15 -3.15 -3.37
C ASN B 67 -4.08 -3.35 -4.45
N VAL B 68 -2.95 -2.64 -4.34
CA VAL B 68 -1.87 -2.81 -5.32
C VAL B 68 -1.52 -4.28 -5.35
N TRP B 69 -1.24 -4.83 -6.53
CA TRP B 69 -0.90 -6.23 -6.67
C TRP B 69 0.57 -6.45 -6.38
N ASN B 70 0.90 -7.54 -5.69
CA ASN B 70 2.30 -7.79 -5.44
C ASN B 70 2.87 -8.82 -6.41
N PHE B 71 4.01 -8.47 -7.01
CA PHE B 71 4.69 -9.32 -7.97
C PHE B 71 4.70 -10.78 -7.55
N GLY B 72 5.34 -11.07 -6.42
CA GLY B 72 5.41 -12.43 -5.92
C GLY B 72 4.05 -13.06 -5.66
N GLU B 73 3.19 -12.31 -4.98
CA GLU B 73 1.86 -12.81 -4.66
C GLU B 73 0.97 -12.98 -5.87
N SER B 74 1.48 -12.69 -7.05
CA SER B 74 0.66 -12.80 -8.25
C SER B 74 1.27 -13.65 -9.34
N ASN B 75 2.28 -14.44 -8.99
CA ASN B 75 2.96 -15.30 -9.95
C ASN B 75 3.61 -14.36 -10.93
N GLY B 76 3.78 -13.12 -10.50
CA GLY B 76 4.39 -12.11 -11.34
C GLY B 76 5.69 -12.53 -12.01
N ARG B 77 5.85 -12.07 -13.25
CA ARG B 77 7.05 -12.35 -14.03
C ARG B 77 7.17 -11.32 -15.13
N TYR B 78 8.39 -10.91 -15.40
CA TYR B 78 8.63 -9.96 -16.47
C TYR B 78 9.03 -10.73 -17.72
N SER B 79 8.11 -10.86 -18.67
CA SER B 79 8.43 -11.55 -19.91
C SER B 79 8.34 -10.54 -21.07
N ALA B 80 8.58 -10.99 -22.29
CA ALA B 80 8.49 -10.11 -23.43
C ALA B 80 7.06 -10.18 -23.97
N LEU B 81 6.64 -9.10 -24.61
CA LEU B 81 5.31 -9.01 -25.20
C LEU B 81 5.48 -9.18 -26.70
N THR B 82 5.68 -10.42 -27.15
CA THR B 82 5.89 -10.69 -28.57
C THR B 82 4.86 -10.06 -29.51
N ALA B 83 3.58 -10.11 -29.15
CA ALA B 83 2.52 -9.52 -29.97
C ALA B 83 2.53 -7.99 -29.93
N ARG B 84 3.64 -7.42 -29.48
CA ARG B 84 3.73 -5.97 -29.38
C ARG B 84 5.12 -5.52 -29.74
N GLY B 85 6.01 -6.49 -29.86
CA GLY B 85 7.38 -6.18 -30.24
C GLY B 85 8.13 -5.50 -29.12
N ILE B 86 7.88 -5.95 -27.89
CA ILE B 86 8.53 -5.37 -26.72
C ILE B 86 9.22 -6.48 -25.95
N SER B 87 10.51 -6.30 -25.69
CA SER B 87 11.29 -7.33 -25.00
C SER B 87 11.17 -7.33 -23.49
N LYS B 88 11.48 -8.48 -22.93
CA LYS B 88 11.44 -8.69 -21.50
C LYS B 88 12.39 -7.69 -20.82
N GLU B 89 13.54 -7.44 -21.43
CA GLU B 89 14.50 -6.50 -20.87
C GLU B 89 13.93 -5.10 -20.75
N THR B 90 13.01 -4.74 -21.62
CA THR B 90 12.45 -3.39 -21.55
C THR B 90 11.42 -3.35 -20.44
N CYS B 91 10.59 -4.38 -20.38
CA CYS B 91 9.57 -4.47 -19.36
C CYS B 91 10.14 -4.44 -17.95
N GLN B 92 11.36 -4.94 -17.80
CA GLN B 92 12.01 -4.96 -16.50
C GLN B 92 12.45 -3.57 -16.06
N LYS B 93 12.92 -2.73 -16.97
CA LYS B 93 13.34 -1.40 -16.53
C LYS B 93 12.14 -0.49 -16.43
N ALA B 94 11.15 -0.71 -17.29
CA ALA B 94 9.97 0.13 -17.29
C ALA B 94 8.99 -0.26 -16.21
N GLY B 95 9.04 -1.51 -15.78
CA GLY B 95 8.13 -1.92 -14.74
C GLY B 95 6.80 -2.35 -15.30
N TYR B 96 6.84 -3.19 -16.33
CA TYR B 96 5.63 -3.73 -16.96
C TYR B 96 5.70 -5.24 -16.79
N TRP B 97 4.73 -5.85 -16.11
CA TRP B 97 4.80 -7.30 -15.90
C TRP B 97 3.52 -8.07 -16.14
N ILE B 98 3.69 -9.37 -16.29
CA ILE B 98 2.59 -10.30 -16.54
C ILE B 98 2.27 -11.06 -15.26
N ALA B 99 0.99 -11.34 -15.06
CA ALA B 99 0.58 -12.06 -13.88
C ALA B 99 -0.58 -12.95 -14.22
N LYS B 100 -0.59 -14.16 -13.68
CA LYS B 100 -1.70 -15.08 -13.91
C LYS B 100 -2.46 -15.21 -12.60
N VAL B 101 -3.77 -15.06 -12.67
CA VAL B 101 -4.61 -15.14 -11.49
C VAL B 101 -5.74 -16.12 -11.71
N ASP B 102 -5.53 -17.37 -11.25
CA ASP B 102 -6.52 -18.42 -11.39
C ASP B 102 -6.85 -18.55 -12.87
N GLY B 103 -5.85 -19.01 -13.63
CA GLY B 103 -6.01 -19.16 -15.06
C GLY B 103 -5.72 -17.85 -15.75
N VAL B 104 -6.76 -17.07 -15.97
CA VAL B 104 -6.70 -15.76 -16.64
C VAL B 104 -5.41 -14.97 -16.40
N MET B 105 -4.97 -14.23 -17.42
CA MET B 105 -3.74 -13.45 -17.30
C MET B 105 -3.90 -11.97 -17.53
N TYR B 106 -3.00 -11.19 -16.92
CA TYR B 106 -3.04 -9.73 -17.00
C TYR B 106 -1.66 -9.11 -17.15
N GLN B 107 -1.65 -7.86 -17.60
CA GLN B 107 -0.42 -7.12 -17.75
C GLN B 107 -0.52 -6.00 -16.72
N VAL B 108 0.57 -5.80 -15.98
CA VAL B 108 0.56 -4.81 -14.94
C VAL B 108 1.56 -3.71 -15.15
N ALA B 109 1.07 -2.47 -15.13
CA ALA B 109 1.92 -1.32 -15.30
C ALA B 109 2.11 -0.70 -13.92
N ASP B 110 3.33 -0.69 -13.42
CA ASP B 110 3.60 -0.13 -12.09
C ASP B 110 3.88 1.35 -12.09
N TYR B 111 3.00 2.09 -11.43
CA TYR B 111 3.17 3.54 -11.29
C TYR B 111 3.86 3.74 -9.95
N ARG B 112 5.01 4.41 -9.96
CA ARG B 112 5.75 4.63 -8.74
C ARG B 112 5.91 6.10 -8.39
N ASP B 113 6.07 6.38 -7.10
CA ASP B 113 6.28 7.75 -6.66
C ASP B 113 7.76 8.06 -6.97
N GLN B 114 8.25 9.20 -6.48
CA GLN B 114 9.64 9.59 -6.74
C GLN B 114 10.60 8.71 -5.96
N ASN B 115 10.13 8.17 -4.85
CA ASN B 115 10.94 7.30 -4.01
C ASN B 115 11.19 5.96 -4.64
N GLY B 116 10.15 5.40 -5.24
CA GLY B 116 10.25 4.11 -5.88
C GLY B 116 9.15 3.20 -5.39
N ASN B 117 8.12 3.81 -4.80
CA ASN B 117 7.00 3.06 -4.27
C ASN B 117 5.88 2.93 -5.26
N ILE B 118 5.40 1.71 -5.43
CA ILE B 118 4.29 1.51 -6.34
C ILE B 118 3.12 2.19 -5.66
N VAL B 119 2.59 3.23 -6.28
CA VAL B 119 1.48 3.96 -5.72
C VAL B 119 0.17 3.47 -6.33
N SER B 120 0.23 3.13 -7.62
CA SER B 120 -0.94 2.63 -8.33
C SER B 120 -0.50 1.74 -9.48
N GLN B 121 -1.47 1.05 -10.07
CA GLN B 121 -1.20 0.16 -11.19
C GLN B 121 -2.36 0.14 -12.17
N LYS B 122 -2.02 0.01 -13.45
CA LYS B 122 -3.04 -0.08 -14.49
C LYS B 122 -2.94 -1.53 -14.92
N VAL B 123 -4.02 -2.29 -14.71
CA VAL B 123 -4.01 -3.72 -15.06
C VAL B 123 -5.02 -4.03 -16.15
N ARG B 124 -4.58 -4.78 -17.15
CA ARG B 124 -5.44 -5.16 -18.26
C ARG B 124 -5.35 -6.65 -18.56
N ASP B 125 -6.39 -7.19 -19.18
CA ASP B 125 -6.43 -8.60 -19.56
C ASP B 125 -6.37 -8.71 -21.09
N LYS B 126 -6.64 -9.90 -21.60
CA LYS B 126 -6.61 -10.14 -23.05
C LYS B 126 -7.60 -9.25 -23.79
N ASP B 127 -8.87 -9.35 -23.41
CA ASP B 127 -9.94 -8.56 -24.04
C ASP B 127 -9.85 -7.07 -23.68
N LYS B 128 -8.63 -6.63 -23.37
CA LYS B 128 -8.32 -5.25 -23.00
C LYS B 128 -9.36 -4.58 -22.11
N ASN B 129 -9.39 -5.02 -20.85
CA ASN B 129 -10.30 -4.50 -19.84
C ASN B 129 -9.46 -3.84 -18.75
N PHE B 130 -9.56 -2.51 -18.65
CA PHE B 130 -8.81 -1.75 -17.66
C PHE B 130 -9.27 -2.06 -16.23
N LYS B 131 -8.41 -1.76 -15.27
CA LYS B 131 -8.69 -2.00 -13.87
C LYS B 131 -7.58 -1.27 -13.11
N THR B 132 -7.95 -0.35 -12.21
CA THR B 132 -6.94 0.40 -11.48
C THR B 132 -6.70 -0.05 -10.04
N THR B 133 -5.45 0.05 -9.58
CA THR B 133 -5.17 -0.34 -8.21
C THR B 133 -4.41 0.77 -7.50
N GLY B 134 -4.57 0.81 -6.17
CA GLY B 134 -3.90 1.82 -5.38
C GLY B 134 -4.55 3.16 -5.62
N SER B 135 -3.78 4.23 -5.50
CA SER B 135 -4.28 5.56 -5.71
C SER B 135 -3.72 6.17 -6.97
N HIS B 136 -4.50 6.09 -8.04
CA HIS B 136 -4.12 6.61 -9.33
C HIS B 136 -4.37 8.11 -9.38
N LYS B 137 -3.33 8.85 -9.00
CA LYS B 137 -3.37 10.31 -8.93
C LYS B 137 -3.45 11.05 -10.27
N SER B 138 -3.71 12.34 -10.19
CA SER B 138 -3.83 13.18 -11.37
C SER B 138 -2.51 13.49 -12.04
N ASP B 139 -1.40 13.08 -11.43
CA ASP B 139 -0.10 13.37 -12.01
C ASP B 139 0.64 12.08 -12.40
N ALA B 140 -0.10 10.98 -12.38
CA ALA B 140 0.45 9.67 -12.72
C ALA B 140 1.05 9.66 -14.13
N LEU B 141 2.35 9.33 -14.20
CA LEU B 141 3.08 9.26 -15.44
C LEU B 141 3.88 7.97 -15.42
N PHE B 142 3.43 6.96 -16.16
CA PHE B 142 4.15 5.69 -16.20
C PHE B 142 5.64 5.93 -16.53
N GLY B 143 6.51 5.32 -15.75
CA GLY B 143 7.94 5.47 -15.96
C GLY B 143 8.54 6.76 -15.44
N LYS B 144 7.71 7.63 -14.86
CA LYS B 144 8.17 8.91 -14.33
C LYS B 144 9.42 8.82 -13.45
N HIS B 145 9.40 7.85 -12.55
CA HIS B 145 10.47 7.59 -11.58
C HIS B 145 11.83 7.19 -12.14
N LEU B 146 11.94 7.10 -13.45
CA LEU B 146 13.19 6.69 -14.07
C LEU B 146 14.00 7.85 -14.54
N TRP B 147 13.34 8.99 -14.76
CA TRP B 147 14.08 10.13 -15.28
C TRP B 147 14.06 11.30 -14.30
N ASN B 148 15.25 11.83 -14.03
CA ASN B 148 15.40 12.94 -13.10
C ASN B 148 15.70 14.25 -13.80
N GLY B 149 15.64 14.25 -15.13
CA GLY B 149 15.91 15.47 -15.89
C GLY B 149 16.67 15.16 -17.16
N GLY B 150 17.03 16.20 -17.93
CA GLY B 150 17.75 15.93 -19.15
C GLY B 150 17.44 16.88 -20.31
N LYS B 151 17.96 16.56 -21.49
CA LYS B 151 17.74 17.42 -22.66
C LYS B 151 16.31 17.29 -23.17
N LYS B 152 15.80 16.08 -23.22
CA LYS B 152 14.42 15.91 -23.68
C LYS B 152 13.75 14.68 -23.13
N ILE B 153 12.43 14.73 -23.15
CA ILE B 153 11.62 13.64 -22.67
C ILE B 153 10.51 13.45 -23.68
N VAL B 154 10.16 12.20 -23.92
CA VAL B 154 9.11 11.89 -24.86
C VAL B 154 7.91 11.43 -24.05
N VAL B 155 6.75 12.05 -24.30
CA VAL B 155 5.53 11.71 -23.60
C VAL B 155 4.51 11.05 -24.51
N THR B 156 4.25 9.76 -24.32
CA THR B 156 3.27 9.11 -25.16
C THR B 156 1.91 9.05 -24.45
N GLU B 157 0.87 8.78 -25.23
CA GLU B 157 -0.47 8.72 -24.70
C GLU B 157 -0.74 7.47 -23.85
N GLY B 158 -0.01 6.39 -24.11
CA GLY B 158 -0.25 5.18 -23.36
C GLY B 158 0.94 4.29 -23.09
N GLU B 159 0.77 3.43 -22.08
CA GLU B 159 1.79 2.49 -21.62
C GLU B 159 2.61 1.77 -22.67
N ILE B 160 1.94 1.10 -23.61
CA ILE B 160 2.65 0.35 -24.66
C ILE B 160 3.40 1.22 -25.66
N ASP B 161 2.87 2.40 -25.94
CA ASP B 161 3.56 3.30 -26.86
C ASP B 161 4.84 3.71 -26.14
N MET B 162 4.75 3.86 -24.82
CA MET B 162 5.91 4.22 -24.02
C MET B 162 6.93 3.10 -24.11
N LEU B 163 6.45 1.87 -23.96
CA LEU B 163 7.30 0.69 -24.03
C LEU B 163 8.02 0.67 -25.37
N THR B 164 7.28 0.99 -26.42
CA THR B 164 7.84 1.00 -27.76
C THR B 164 9.06 1.91 -27.90
N VAL B 165 8.94 3.18 -27.51
CA VAL B 165 10.04 4.11 -27.61
C VAL B 165 11.25 3.67 -26.78
N MET B 166 10.98 2.94 -25.70
CA MET B 166 12.06 2.44 -24.85
C MET B 166 12.81 1.36 -25.66
N GLU B 167 12.03 0.39 -26.17
CA GLU B 167 12.55 -0.71 -26.98
C GLU B 167 13.51 -0.17 -28.01
N LEU B 168 13.06 0.82 -28.78
CA LEU B 168 13.89 1.36 -29.84
C LEU B 168 15.11 2.18 -29.40
N GLN B 169 15.13 2.62 -28.14
CA GLN B 169 16.26 3.41 -27.67
C GLN B 169 17.10 2.69 -26.63
N ASP B 170 16.77 1.43 -26.36
CA ASP B 170 17.52 0.66 -25.38
C ASP B 170 17.33 1.29 -24.00
N CYS B 171 16.15 1.85 -23.78
CA CYS B 171 15.78 2.48 -22.53
C CYS B 171 16.77 3.55 -22.07
N LYS B 172 17.64 3.98 -22.96
CA LYS B 172 18.62 4.96 -22.57
C LYS B 172 18.11 6.39 -22.39
N TYR B 173 16.90 6.68 -22.86
CA TYR B 173 16.39 8.05 -22.74
C TYR B 173 14.98 8.20 -22.17
N PRO B 174 14.69 9.39 -21.63
CA PRO B 174 13.41 9.76 -21.02
C PRO B 174 12.12 9.50 -21.79
N VAL B 175 11.27 8.63 -21.25
CA VAL B 175 9.99 8.36 -21.87
C VAL B 175 8.94 8.00 -20.80
N VAL B 176 7.83 8.71 -20.82
CA VAL B 176 6.75 8.48 -19.88
C VAL B 176 5.42 8.57 -20.65
N SER B 177 4.36 8.01 -20.09
CA SER B 177 3.06 8.10 -20.75
C SER B 177 2.01 8.61 -19.77
N LEU B 178 0.95 9.21 -20.32
CA LEU B 178 -0.14 9.76 -19.53
C LEU B 178 -0.80 8.63 -18.77
N GLY B 179 -0.99 8.84 -17.46
CA GLY B 179 -1.61 7.82 -16.63
C GLY B 179 -3.11 7.73 -16.83
N HIS B 180 -3.71 8.75 -17.42
CA HIS B 180 -5.16 8.70 -17.65
C HIS B 180 -5.58 8.83 -19.11
N GLY B 181 -4.59 8.79 -20.00
CA GLY B 181 -4.92 8.87 -21.40
C GLY B 181 -5.09 10.28 -21.89
N ALA B 182 -5.41 10.40 -23.18
CA ALA B 182 -5.58 11.70 -23.83
C ALA B 182 -6.61 12.54 -23.10
N SER B 183 -7.71 11.91 -22.70
CA SER B 183 -8.79 12.59 -21.99
C SER B 183 -8.31 13.52 -20.89
N ALA B 184 -7.33 13.09 -20.10
CA ALA B 184 -6.80 13.89 -19.01
C ALA B 184 -5.44 14.55 -19.28
N ALA B 185 -5.05 14.61 -20.54
CA ALA B 185 -3.78 15.21 -20.91
C ALA B 185 -3.50 16.55 -20.22
N LYS B 186 -4.50 17.42 -20.21
CA LYS B 186 -4.35 18.75 -19.63
C LYS B 186 -4.06 18.74 -18.13
N LYS B 187 -4.89 18.01 -17.41
CA LYS B 187 -4.75 17.91 -15.96
C LYS B 187 -3.38 17.33 -15.60
N THR B 188 -3.08 16.17 -16.19
CA THR B 188 -1.84 15.45 -15.96
C THR B 188 -0.60 16.27 -16.24
N CYS B 189 -0.55 16.88 -17.41
CA CYS B 189 0.63 17.64 -17.74
C CYS B 189 0.78 18.80 -16.77
N ALA B 190 -0.36 19.37 -16.38
CA ALA B 190 -0.37 20.48 -15.44
C ALA B 190 0.20 19.98 -14.13
N ALA B 191 -0.41 18.94 -13.59
CA ALA B 191 0.04 18.36 -12.34
C ALA B 191 1.53 18.01 -12.39
N ASN B 192 2.12 17.96 -13.58
CA ASN B 192 3.53 17.61 -13.71
C ASN B 192 4.40 18.74 -14.25
N TYR B 193 3.87 19.96 -14.24
CA TYR B 193 4.63 21.11 -14.74
C TYR B 193 6.09 21.12 -14.27
N GLU B 194 6.28 21.38 -12.99
CA GLU B 194 7.62 21.42 -12.41
C GLU B 194 8.46 20.25 -12.90
N TYR B 195 7.86 19.05 -12.90
CA TYR B 195 8.57 17.87 -13.38
C TYR B 195 9.10 18.06 -14.80
N PHE B 196 8.17 18.25 -15.75
CA PHE B 196 8.51 18.44 -17.16
C PHE B 196 9.46 19.60 -17.41
N ASP B 197 9.46 20.59 -16.53
CA ASP B 197 10.32 21.74 -16.71
C ASP B 197 11.79 21.40 -16.53
N GLN B 198 12.05 20.20 -16.03
CA GLN B 198 13.43 19.77 -15.83
C GLN B 198 14.08 19.50 -17.17
N PHE B 199 13.26 19.30 -18.21
CA PHE B 199 13.77 19.00 -19.54
C PHE B 199 13.73 20.20 -20.49
N GLU B 200 14.67 20.23 -21.44
CA GLU B 200 14.77 21.32 -22.39
C GLU B 200 13.63 21.30 -23.39
N GLN B 201 13.26 20.11 -23.82
CA GLN B 201 12.16 19.98 -24.75
C GLN B 201 11.30 18.77 -24.40
N ILE B 202 10.00 18.95 -24.49
CA ILE B 202 9.05 17.90 -24.19
C ILE B 202 8.39 17.52 -25.51
N ILE B 203 8.63 16.28 -25.95
CA ILE B 203 8.08 15.83 -27.21
C ILE B 203 6.80 15.05 -26.99
N LEU B 204 5.71 15.56 -27.56
CA LEU B 204 4.42 14.93 -27.41
C LEU B 204 4.07 13.99 -28.56
N MET B 205 4.05 12.70 -28.23
CA MET B 205 3.71 11.67 -29.19
C MET B 205 2.40 11.02 -28.76
N PHE B 206 1.26 11.64 -29.09
CA PHE B 206 -0.05 11.09 -28.73
C PHE B 206 -0.62 10.39 -29.97
N ASP B 207 -1.74 9.68 -29.83
CA ASP B 207 -2.33 9.01 -30.98
C ASP B 207 -2.51 9.97 -32.16
N MET B 208 -2.49 9.42 -33.37
CA MET B 208 -2.67 10.23 -34.57
C MET B 208 -4.15 10.26 -34.92
N ASP B 209 -4.97 10.67 -33.96
CA ASP B 209 -6.41 10.76 -34.18
C ASP B 209 -6.99 12.04 -33.58
N GLU B 210 -8.31 12.18 -33.64
CA GLU B 210 -8.96 13.35 -33.11
C GLU B 210 -8.55 13.55 -31.66
N ALA B 211 -8.87 12.56 -30.84
CA ALA B 211 -8.56 12.59 -29.42
C ALA B 211 -7.11 12.98 -29.16
N GLY B 212 -6.20 12.29 -29.84
CA GLY B 212 -4.78 12.58 -29.66
C GLY B 212 -4.47 14.00 -30.03
N ARG B 213 -5.10 14.47 -31.08
CA ARG B 213 -4.84 15.82 -31.52
C ARG B 213 -5.42 16.85 -30.53
N LYS B 214 -6.53 16.51 -29.89
CA LYS B 214 -7.12 17.43 -28.92
C LYS B 214 -6.22 17.53 -27.71
N ALA B 215 -5.76 16.36 -27.24
CA ALA B 215 -4.88 16.24 -26.09
C ALA B 215 -3.62 17.07 -26.28
N VAL B 216 -3.05 17.06 -27.48
CA VAL B 216 -1.86 17.84 -27.74
C VAL B 216 -2.18 19.32 -27.52
N GLU B 217 -3.34 19.76 -27.97
CA GLU B 217 -3.74 21.16 -27.79
C GLU B 217 -3.82 21.50 -26.31
N GLU B 218 -4.47 20.63 -25.56
CA GLU B 218 -4.64 20.77 -24.12
C GLU B 218 -3.27 20.84 -23.48
N ALA B 219 -2.57 19.71 -23.53
CA ALA B 219 -1.25 19.60 -22.94
C ALA B 219 -0.33 20.77 -23.27
N ALA B 220 -0.34 21.22 -24.51
CA ALA B 220 0.51 22.32 -24.92
C ALA B 220 0.32 23.60 -24.12
N GLN B 221 -0.93 24.03 -23.97
CA GLN B 221 -1.27 25.25 -23.22
C GLN B 221 -0.73 25.23 -21.80
N VAL B 222 -0.80 24.06 -21.19
CA VAL B 222 -0.39 23.83 -19.81
C VAL B 222 1.08 23.56 -19.55
N LEU B 223 1.80 22.99 -20.51
CA LEU B 223 3.20 22.67 -20.31
C LEU B 223 4.11 23.88 -20.40
N PRO B 224 5.35 23.75 -19.92
CA PRO B 224 6.30 24.87 -19.97
C PRO B 224 6.34 25.45 -21.38
N ALA B 225 6.11 26.75 -21.49
CA ALA B 225 6.11 27.41 -22.79
C ALA B 225 7.46 27.31 -23.48
N GLY B 226 7.40 27.19 -24.80
CA GLY B 226 8.58 27.10 -25.62
C GLY B 226 9.29 25.76 -25.63
N LYS B 227 8.76 24.77 -24.93
CA LYS B 227 9.42 23.47 -24.88
C LYS B 227 8.65 22.33 -25.56
N VAL B 228 7.42 22.60 -25.98
CA VAL B 228 6.65 21.56 -26.60
C VAL B 228 6.88 21.34 -28.09
N ARG B 229 7.14 20.09 -28.45
CA ARG B 229 7.33 19.67 -29.82
C ARG B 229 6.34 18.54 -30.10
N VAL B 230 5.61 18.63 -31.21
CA VAL B 230 4.63 17.60 -31.53
C VAL B 230 5.13 16.57 -32.54
N ALA B 231 5.15 15.31 -32.12
CA ALA B 231 5.62 14.23 -32.96
C ALA B 231 4.48 13.69 -33.81
N VAL B 232 4.71 13.55 -35.10
CA VAL B 232 3.69 13.03 -36.02
C VAL B 232 4.08 11.63 -36.49
N LEU B 233 3.11 10.82 -36.86
CA LEU B 233 3.41 9.46 -37.28
C LEU B 233 2.54 8.89 -38.41
N PRO B 234 3.14 8.04 -39.27
CA PRO B 234 2.44 7.40 -40.37
C PRO B 234 1.39 6.40 -39.88
N CYS B 235 1.34 6.14 -38.58
CA CYS B 235 0.33 5.21 -38.05
C CYS B 235 -0.41 5.81 -36.89
N LYS B 236 -1.47 5.13 -36.45
CA LYS B 236 -2.31 5.58 -35.34
C LYS B 236 -1.48 6.01 -34.12
N ASP B 237 -0.60 5.12 -33.66
CA ASP B 237 0.28 5.43 -32.54
C ASP B 237 1.63 4.77 -32.74
N ALA B 238 2.56 5.04 -31.83
CA ALA B 238 3.91 4.52 -31.93
C ALA B 238 4.02 3.01 -32.03
N ASN B 239 3.31 2.29 -31.16
CA ASN B 239 3.42 0.82 -31.22
C ASN B 239 3.03 0.22 -32.58
N GLU B 240 1.98 0.75 -33.20
CA GLU B 240 1.56 0.23 -34.49
C GLU B 240 2.70 0.43 -35.47
N CYS B 241 3.24 1.64 -35.53
CA CYS B 241 4.36 1.90 -36.41
C CYS B 241 5.33 0.74 -36.24
N HIS B 242 5.61 0.42 -34.98
CA HIS B 242 6.55 -0.64 -34.63
C HIS B 242 6.19 -2.02 -35.19
N LEU B 243 4.90 -2.29 -35.33
CA LEU B 243 4.45 -3.57 -35.86
C LEU B 243 4.22 -3.55 -37.37
N ASN B 244 4.55 -2.44 -38.02
CA ASN B 244 4.34 -2.35 -39.46
C ASN B 244 5.52 -1.77 -40.20
N GLY B 245 6.71 -1.96 -39.67
CA GLY B 245 7.90 -1.46 -40.34
C GLY B 245 8.22 0.02 -40.24
N HIS B 246 7.64 0.73 -39.27
CA HIS B 246 7.91 2.14 -39.18
C HIS B 246 8.77 2.64 -38.03
N ASP B 247 9.68 1.81 -37.57
CA ASP B 247 10.57 2.21 -36.50
C ASP B 247 11.33 3.48 -36.84
N ARG B 248 11.76 3.62 -38.09
CA ARG B 248 12.54 4.81 -38.47
C ARG B 248 11.72 6.07 -38.28
N GLU B 249 10.44 6.00 -38.64
CA GLU B 249 9.59 7.16 -38.46
C GLU B 249 9.60 7.53 -36.99
N ILE B 250 9.43 6.53 -36.12
CA ILE B 250 9.45 6.77 -34.68
C ILE B 250 10.78 7.42 -34.30
N MET B 251 11.89 6.79 -34.68
CA MET B 251 13.22 7.33 -34.37
C MET B 251 13.39 8.76 -34.88
N GLU B 252 12.80 9.06 -36.03
CA GLU B 252 12.91 10.40 -36.59
C GLU B 252 12.24 11.46 -35.73
N GLN B 253 11.17 11.09 -35.01
CA GLN B 253 10.42 12.04 -34.18
C GLN B 253 11.00 12.25 -32.79
N VAL B 254 11.44 11.16 -32.19
CA VAL B 254 11.99 11.14 -30.84
C VAL B 254 13.35 11.80 -30.73
N TRP B 255 14.10 11.78 -31.82
CA TRP B 255 15.42 12.38 -31.81
C TRP B 255 15.32 13.79 -32.34
#